data_6UAR
#
_entry.id   6UAR
#
_cell.length_a   37.758
_cell.length_b   77.980
_cell.length_c   46.228
_cell.angle_alpha   90.000
_cell.angle_beta   102.450
_cell.angle_gamma   90.000
#
_symmetry.space_group_name_H-M   'P 1 21 1'
#
loop_
_entity.id
_entity.type
_entity.pdbx_description
1 polymer 'Glyco_hydro_cc domain-containing protein'
2 branched beta-D-glucopyranose-(1-3)-beta-D-glucopyranose-(1-3)-beta-D-glucopyranose
3 water water
#
_entity_poly.entity_id   1
_entity_poly.type   'polypeptide(L)'
_entity_poly.pdbx_seq_one_letter_code
;MGSSHHHHHHSSGLVPAGSHMAGTKKGVSAAAFSGVTAALGDVGARWFYTWAADPQGITAPAGTEFVPMIWGRDSVTADQ
LQRAKAAGSTLLAFNEPDLAGQANMSVETALDLWPQLQATGMRLGAPAVAYGGDTPGGWLDRFMSGAAARGYRVDFIPLH
WYGGDFSAAATGQLQSYLQAVYNRYHRPIWLTEYALTDFSGSTPRYPSAAEQADFVSRSTAMLNGLSFVERYAWFSLSTS
TTPTGLYTGTTPNSSGVAYRAAG
;
_entity_poly.pdbx_strand_id   A
#
# COMPACT_ATOMS: atom_id res chain seq x y z
N GLY A 23 9.99 -13.70 3.46
CA GLY A 23 11.00 -12.75 3.91
C GLY A 23 10.38 -11.69 4.79
N THR A 24 10.65 -10.44 4.44
CA THR A 24 10.07 -9.29 5.16
C THR A 24 9.04 -8.65 4.23
N LYS A 25 8.55 -9.35 3.19
CA LYS A 25 7.60 -8.69 2.27
C LYS A 25 6.23 -8.44 2.87
N LYS A 26 5.76 -9.33 3.77
CA LYS A 26 4.34 -9.36 4.13
C LYS A 26 4.04 -8.34 5.21
N GLY A 27 3.12 -7.42 4.89
CA GLY A 27 2.66 -6.38 5.80
C GLY A 27 1.17 -6.17 5.68
N VAL A 28 0.69 -5.16 6.38
CA VAL A 28 -0.73 -4.82 6.34
C VAL A 28 -0.86 -3.32 6.56
N SER A 29 -1.96 -2.77 6.10
CA SER A 29 -2.46 -1.48 6.56
C SER A 29 -3.29 -1.78 7.84
N ALA A 30 -3.26 -0.86 8.79
CA ALA A 30 -3.98 -1.05 10.05
C ALA A 30 -4.48 0.29 10.59
N ALA A 31 -5.48 0.18 11.44
CA ALA A 31 -6.01 1.25 12.28
C ALA A 31 -6.05 0.71 13.70
N ALA A 32 -6.08 1.58 14.69
CA ALA A 32 -6.18 1.13 16.08
C ALA A 32 -7.63 0.67 16.27
N PHE A 33 -7.70 -0.53 16.71
CA PHE A 33 -8.94 -1.18 17.15
C PHE A 33 -8.41 -1.98 18.32
N SER A 34 -9.34 -2.31 19.18
CA SER A 34 -9.05 -3.21 20.31
C SER A 34 -8.57 -4.56 19.79
N GLY A 35 -7.34 -4.92 20.13
CA GLY A 35 -6.69 -6.15 19.68
C GLY A 35 -5.68 -5.97 18.56
N VAL A 36 -5.46 -4.75 18.08
CA VAL A 36 -4.56 -4.56 16.88
C VAL A 36 -3.16 -5.14 17.11
N THR A 37 -2.56 -4.94 18.27
CA THR A 37 -1.19 -5.43 18.56
C THR A 37 -1.17 -6.95 18.40
N ALA A 38 -2.15 -7.62 19.02
CA ALA A 38 -2.25 -9.08 18.96
C ALA A 38 -2.43 -9.50 17.50
N ALA A 39 -3.29 -8.79 16.75
CA ALA A 39 -3.64 -9.17 15.38
C ALA A 39 -2.36 -9.02 14.50
N LEU A 40 -1.58 -7.97 14.70
CA LEU A 40 -0.36 -7.78 13.88
C LEU A 40 0.62 -8.92 14.15
N GLY A 41 0.77 -9.27 15.41
CA GLY A 41 1.70 -10.36 15.75
C GLY A 41 1.19 -11.70 15.26
N ASP A 42 -0.09 -11.98 15.43
CA ASP A 42 -0.70 -13.27 15.03
C ASP A 42 -0.51 -13.47 13.51
N VAL A 43 -0.76 -12.40 12.75
CA VAL A 43 -0.82 -12.60 11.28
C VAL A 43 0.62 -12.65 10.73
N GLY A 44 1.63 -12.31 11.52
CA GLY A 44 3.02 -12.36 11.06
C GLY A 44 3.40 -11.18 10.20
N ALA A 45 2.74 -10.04 10.36
CA ALA A 45 3.10 -8.81 9.63
C ALA A 45 4.54 -8.39 9.97
N ARG A 46 5.41 -8.27 8.95
CA ARG A 46 6.79 -7.77 9.15
C ARG A 46 6.84 -6.25 9.11
N TRP A 47 5.80 -5.64 8.57
CA TRP A 47 5.70 -4.16 8.48
C TRP A 47 4.22 -3.79 8.46
N PHE A 48 3.96 -2.53 8.75
CA PHE A 48 2.61 -2.00 8.65
C PHE A 48 2.67 -0.50 8.42
N TYR A 49 1.53 0.03 7.96
CA TYR A 49 1.37 1.47 7.83
C TYR A 49 -0.07 1.81 8.17
N THR A 50 -0.29 3.10 8.42
CA THR A 50 -1.55 3.64 8.99
C THR A 50 -2.17 4.76 8.13
N TRP A 51 -1.57 5.05 6.96
CA TRP A 51 -1.91 6.22 6.12
C TRP A 51 -1.53 7.54 6.82
N ALA A 52 -0.71 7.50 7.87
CA ALA A 52 -0.32 8.69 8.64
C ALA A 52 1.17 8.68 8.93
N ALA A 53 1.68 9.76 9.51
CA ALA A 53 3.11 9.97 9.74
C ALA A 53 3.58 9.19 10.97
N ASP A 54 2.65 8.62 11.74
CA ASP A 54 2.99 7.87 12.96
C ASP A 54 1.99 6.74 13.13
N PRO A 55 2.24 5.81 14.07
CA PRO A 55 1.37 4.63 14.20
C PRO A 55 -0.07 4.85 14.65
N GLN A 56 -0.52 6.09 14.89
CA GLN A 56 -1.93 6.38 15.15
C GLN A 56 -2.42 5.50 16.33
N GLY A 57 -1.63 5.47 17.39
CA GLY A 57 -2.06 4.82 18.62
C GLY A 57 -1.81 3.32 18.64
N ILE A 58 -1.22 2.76 17.60
CA ILE A 58 -0.90 1.32 17.52
C ILE A 58 0.44 1.08 18.18
N THR A 59 0.48 0.14 19.11
CA THR A 59 1.76 -0.38 19.61
C THR A 59 2.15 -1.60 18.76
N ALA A 60 3.22 -1.49 17.99
CA ALA A 60 3.72 -2.56 17.10
C ALA A 60 4.32 -3.65 17.95
N PRO A 61 4.11 -4.92 17.55
CA PRO A 61 4.87 -6.00 18.15
C PRO A 61 6.33 -5.89 17.77
N ALA A 62 7.20 -6.54 18.52
CA ALA A 62 8.63 -6.66 18.19
C ALA A 62 8.75 -7.30 16.81
N GLY A 63 9.60 -6.75 15.97
CA GLY A 63 9.85 -7.29 14.61
C GLY A 63 8.87 -6.77 13.55
N THR A 64 7.93 -5.92 13.93
CA THR A 64 6.95 -5.35 12.96
C THR A 64 7.31 -3.88 12.72
N GLU A 65 7.80 -3.57 11.53
CA GLU A 65 8.32 -2.23 11.18
C GLU A 65 7.18 -1.29 10.75
N PHE A 66 7.07 -0.12 11.37
CA PHE A 66 6.16 0.95 10.97
C PHE A 66 6.74 1.72 9.78
N VAL A 67 5.91 1.97 8.75
CA VAL A 67 6.33 2.83 7.61
C VAL A 67 5.42 4.04 7.62
N PRO A 68 5.95 5.26 7.89
CA PRO A 68 5.15 6.47 7.79
C PRO A 68 4.71 6.82 6.37
N MET A 69 3.63 7.57 6.32
CA MET A 69 3.04 8.12 5.08
C MET A 69 2.77 9.60 5.22
N ILE A 70 3.09 10.35 4.17
CA ILE A 70 2.66 11.75 3.97
C ILE A 70 1.46 11.69 3.01
N TRP A 71 0.28 11.84 3.54
CA TRP A 71 -0.95 11.42 2.84
C TRP A 71 -1.33 12.39 1.72
N GLY A 72 -1.30 13.69 1.98
CA GLY A 72 -1.73 14.70 1.01
C GLY A 72 -1.00 16.01 1.17
N ARG A 73 -1.41 16.99 0.36
CA ARG A 73 -0.80 18.34 0.31
C ARG A 73 -0.63 18.86 1.75
N ASP A 74 -1.64 18.73 2.59
CA ASP A 74 -1.63 19.45 3.91
C ASP A 74 -0.83 18.65 4.93
N SER A 75 -0.30 17.50 4.53
CA SER A 75 0.57 16.62 5.36
C SER A 75 2.03 17.09 5.27
N VAL A 76 2.32 18.01 4.35
CA VAL A 76 3.72 18.40 4.04
C VAL A 76 4.06 19.61 4.91
N THR A 77 4.45 19.34 6.14
CA THR A 77 4.87 20.38 7.14
C THR A 77 6.17 19.88 7.76
N ALA A 78 7.04 20.81 8.17
CA ALA A 78 8.29 20.47 8.90
C ALA A 78 7.98 19.50 10.05
N ASP A 79 6.89 19.74 10.80
CA ASP A 79 6.43 18.92 11.97
C ASP A 79 6.09 17.48 11.53
N GLN A 80 5.28 17.32 10.49
CA GLN A 80 4.88 15.97 10.02
C GLN A 80 6.13 15.23 9.51
N LEU A 81 7.03 15.92 8.81
CA LEU A 81 8.20 15.28 8.17
C LEU A 81 9.21 14.83 9.25
N GLN A 82 9.39 15.65 10.30
CA GLN A 82 10.26 15.31 11.46
C GLN A 82 9.63 14.10 12.20
N ARG A 83 8.33 14.12 12.42
CA ARG A 83 7.55 13.02 13.06
CA ARG A 83 7.64 13.00 13.12
C ARG A 83 7.78 11.71 12.29
N ALA A 84 7.59 11.81 10.99
CA ALA A 84 7.75 10.65 10.10
C ALA A 84 9.17 10.07 10.26
N LYS A 85 10.19 10.92 10.18
CA LYS A 85 11.59 10.48 10.25
C LYS A 85 11.90 9.86 11.62
N ALA A 86 11.22 10.32 12.68
CA ALA A 86 11.41 9.78 14.05
C ALA A 86 10.72 8.43 14.18
N ALA A 87 9.69 8.16 13.39
CA ALA A 87 8.82 6.96 13.52
C ALA A 87 9.30 5.80 12.66
N GLY A 88 10.12 6.06 11.65
CA GLY A 88 10.51 5.03 10.69
C GLY A 88 11.63 5.49 9.76
N SER A 89 12.00 4.61 8.86
CA SER A 89 13.17 4.86 7.99
C SER A 89 12.79 4.91 6.51
N THR A 90 11.60 4.47 6.14
CA THR A 90 11.04 4.53 4.79
C THR A 90 9.79 5.41 4.83
N LEU A 91 9.57 6.18 3.79
CA LEU A 91 8.51 7.18 3.73
C LEU A 91 7.65 6.97 2.47
N LEU A 92 6.39 6.73 2.67
CA LEU A 92 5.39 6.64 1.58
C LEU A 92 4.84 8.04 1.33
N ALA A 93 4.70 8.42 0.07
CA ALA A 93 4.12 9.72 -0.30
C ALA A 93 2.62 9.58 -0.51
N PHE A 94 2.04 10.48 -1.28
CA PHE A 94 0.60 10.85 -1.17
C PHE A 94 -0.27 9.65 -1.57
N ASN A 95 -1.44 9.55 -0.95
CA ASN A 95 -2.39 8.45 -1.20
C ASN A 95 -3.41 8.84 -2.28
N GLU A 96 -3.33 8.19 -3.44
CA GLU A 96 -4.33 8.30 -4.54
C GLU A 96 -4.52 9.78 -4.89
N PRO A 97 -3.43 10.51 -5.24
CA PRO A 97 -3.55 11.91 -5.68
C PRO A 97 -4.45 12.05 -6.92
N ASP A 98 -4.60 10.94 -7.66
CA ASP A 98 -5.33 10.91 -8.96
C ASP A 98 -6.85 10.87 -8.71
N LEU A 99 -7.27 10.73 -7.45
CA LEU A 99 -8.71 10.67 -7.11
C LEU A 99 -9.15 11.89 -6.31
N ALA A 100 -10.32 12.43 -6.68
CA ALA A 100 -10.91 13.61 -6.05
C ALA A 100 -11.26 13.31 -4.59
N GLY A 101 -11.62 12.05 -4.30
CA GLY A 101 -12.00 11.58 -2.96
C GLY A 101 -10.81 11.31 -2.05
N GLN A 102 -9.60 11.37 -2.57
CA GLN A 102 -8.36 11.07 -1.78
C GLN A 102 -7.45 12.28 -1.84
N ALA A 103 -6.14 12.14 -2.06
CA ALA A 103 -5.22 13.28 -1.92
C ALA A 103 -5.56 14.37 -2.95
N ASN A 104 -6.13 14.03 -4.11
CA ASN A 104 -6.72 15.05 -5.02
C ASN A 104 -5.69 16.15 -5.33
N MET A 105 -4.57 15.76 -5.95
CA MET A 105 -3.38 16.58 -6.19
C MET A 105 -2.99 16.43 -7.66
N SER A 106 -2.74 17.55 -8.34
CA SER A 106 -2.06 17.55 -9.65
C SER A 106 -0.64 16.97 -9.48
N VAL A 107 -0.15 16.39 -10.56
CA VAL A 107 1.27 16.04 -10.73
C VAL A 107 2.14 17.27 -10.39
N GLU A 108 1.82 18.45 -10.90
CA GLU A 108 2.66 19.64 -10.67
C GLU A 108 2.76 19.90 -9.15
N THR A 109 1.66 19.86 -8.41
CA THR A 109 1.63 20.13 -6.96
C THR A 109 2.47 19.07 -6.24
N ALA A 110 2.30 17.80 -6.60
CA ALA A 110 3.11 16.71 -6.00
C ALA A 110 4.60 16.98 -6.23
N LEU A 111 4.97 17.34 -7.45
CA LEU A 111 6.39 17.55 -7.79
C LEU A 111 6.89 18.79 -7.04
N ASP A 112 6.08 19.82 -6.93
CA ASP A 112 6.57 21.05 -6.25
C ASP A 112 6.82 20.75 -4.74
N LEU A 113 6.06 19.86 -4.12
CA LEU A 113 6.22 19.50 -2.69
C LEU A 113 7.32 18.45 -2.51
N TRP A 114 7.66 17.75 -3.58
CA TRP A 114 8.58 16.59 -3.51
C TRP A 114 9.86 16.95 -2.78
N PRO A 115 10.53 18.10 -3.03
CA PRO A 115 11.79 18.37 -2.35
C PRO A 115 11.73 18.26 -0.81
N GLN A 116 10.62 18.64 -0.19
CA GLN A 116 10.46 18.53 1.29
C GLN A 116 10.49 17.06 1.71
N LEU A 117 9.90 16.16 0.93
CA LEU A 117 9.93 14.71 1.30
C LEU A 117 11.31 14.15 1.01
N GLN A 118 11.93 14.58 -0.09
CA GLN A 118 13.27 14.11 -0.45
C GLN A 118 14.26 14.51 0.64
N ALA A 119 14.11 15.70 1.19
CA ALA A 119 15.07 16.30 2.15
C ALA A 119 15.07 15.59 3.51
N THR A 120 14.15 14.66 3.74
CA THR A 120 14.21 13.80 4.93
C THR A 120 15.38 12.82 4.82
N GLY A 121 15.79 12.50 3.61
CA GLY A 121 16.86 11.50 3.39
C GLY A 121 16.39 10.06 3.44
N MET A 122 15.11 9.85 3.69
CA MET A 122 14.52 8.52 3.89
C MET A 122 14.32 7.83 2.53
N ARG A 123 14.38 6.52 2.48
CA ARG A 123 13.93 5.76 1.31
C ARG A 123 12.52 6.21 1.01
N LEU A 124 12.26 6.56 -0.25
CA LEU A 124 11.07 7.39 -0.57
C LEU A 124 10.25 6.75 -1.68
N GLY A 125 9.00 6.50 -1.37
CA GLY A 125 8.04 5.91 -2.30
C GLY A 125 7.26 6.97 -3.03
N ALA A 126 7.04 6.76 -4.32
CA ALA A 126 6.14 7.59 -5.14
C ALA A 126 4.78 7.71 -4.48
N PRO A 127 4.00 8.73 -4.89
CA PRO A 127 2.58 8.71 -4.56
C PRO A 127 2.00 7.40 -5.11
N ALA A 128 1.02 6.83 -4.40
CA ALA A 128 0.33 5.59 -4.75
C ALA A 128 -0.91 5.93 -5.57
N VAL A 129 -0.87 5.70 -6.88
CA VAL A 129 -2.03 6.03 -7.71
C VAL A 129 -3.10 4.94 -7.49
N ALA A 130 -4.36 5.33 -7.65
CA ALA A 130 -5.48 4.37 -7.50
C ALA A 130 -5.44 3.36 -8.65
N TYR A 131 -5.11 3.82 -9.86
CA TYR A 131 -5.07 2.95 -11.05
C TYR A 131 -4.29 3.64 -12.17
N GLY A 132 -4.06 2.88 -13.21
CA GLY A 132 -3.45 3.38 -14.44
C GLY A 132 -1.99 3.72 -14.29
N GLY A 133 -1.28 3.07 -13.36
CA GLY A 133 0.13 3.40 -13.16
C GLY A 133 0.97 3.16 -14.38
N ASP A 134 0.55 2.23 -15.25
CA ASP A 134 1.34 1.87 -16.45
C ASP A 134 0.89 2.70 -17.66
N THR A 135 -0.16 3.51 -17.54
CA THR A 135 -0.81 4.18 -18.69
C THR A 135 0.08 5.33 -19.13
N PRO A 136 0.52 5.40 -20.41
CA PRO A 136 1.25 6.57 -20.90
C PRO A 136 0.40 7.81 -20.75
N GLY A 137 1.00 8.88 -20.21
CA GLY A 137 0.32 10.15 -19.93
C GLY A 137 -0.56 10.13 -18.69
N GLY A 138 -0.68 9.00 -18.00
CA GLY A 138 -1.47 8.98 -16.76
C GLY A 138 -0.73 9.66 -15.62
N TRP A 139 -1.36 9.71 -14.47
CA TRP A 139 -0.84 10.47 -13.32
C TRP A 139 0.59 10.01 -12.96
N LEU A 140 0.79 8.72 -12.75
CA LEU A 140 2.11 8.22 -12.35
C LEU A 140 3.13 8.46 -13.45
N ASP A 141 2.73 8.27 -14.71
CA ASP A 141 3.69 8.47 -15.83
C ASP A 141 4.19 9.92 -15.85
N ARG A 142 3.29 10.87 -15.69
CA ARG A 142 3.63 12.30 -15.75
C ARG A 142 4.42 12.64 -14.49
N PHE A 143 4.10 12.02 -13.35
CA PHE A 143 4.89 12.27 -12.13
C PHE A 143 6.32 11.75 -12.34
N MET A 144 6.47 10.52 -12.79
CA MET A 144 7.83 9.93 -12.92
C MET A 144 8.62 10.70 -13.99
N SER A 145 7.98 11.11 -15.09
CA SER A 145 8.71 11.85 -16.15
C SER A 145 9.20 13.20 -15.61
N GLY A 146 8.33 13.91 -14.87
CA GLY A 146 8.64 15.21 -14.23
C GLY A 146 9.75 15.08 -13.20
N ALA A 147 9.66 14.03 -12.41
CA ALA A 147 10.71 13.77 -11.40
C ALA A 147 12.05 13.56 -12.09
N ALA A 148 12.10 12.77 -13.16
CA ALA A 148 13.37 12.52 -13.87
C ALA A 148 13.90 13.86 -14.40
N ALA A 149 13.03 14.66 -15.01
CA ALA A 149 13.44 15.93 -15.64
C ALA A 149 13.99 16.90 -14.59
N ARG A 150 13.48 16.83 -13.37
CA ARG A 150 13.87 17.72 -12.27
C ARG A 150 15.06 17.13 -11.49
N GLY A 151 15.52 15.93 -11.81
CA GLY A 151 16.64 15.27 -11.09
C GLY A 151 16.23 14.83 -9.71
N TYR A 152 14.95 14.56 -9.51
CA TYR A 152 14.43 14.05 -8.23
C TYR A 152 14.70 12.56 -8.04
N ARG A 153 14.65 12.18 -6.76
CA ARG A 153 14.81 10.77 -6.35
C ARG A 153 13.46 10.16 -6.01
N VAL A 154 13.17 9.03 -6.65
CA VAL A 154 11.98 8.21 -6.34
C VAL A 154 12.50 6.78 -6.17
N ASP A 155 12.55 6.23 -4.97
CA ASP A 155 13.26 4.96 -4.72
C ASP A 155 12.42 3.74 -5.09
N PHE A 156 11.13 3.82 -4.90
CA PHE A 156 10.22 2.69 -5.21
C PHE A 156 8.86 3.27 -5.55
N ILE A 157 8.03 2.43 -6.12
CA ILE A 157 6.66 2.80 -6.51
C ILE A 157 5.68 1.90 -5.78
N PRO A 158 4.89 2.48 -4.88
CA PRO A 158 3.79 1.76 -4.27
C PRO A 158 2.56 1.82 -5.20
N LEU A 159 1.81 0.74 -5.24
CA LEU A 159 0.64 0.59 -6.11
C LEU A 159 -0.55 0.08 -5.27
N HIS A 160 -1.71 0.34 -5.81
CA HIS A 160 -3.03 -0.12 -5.33
C HIS A 160 -3.65 -0.98 -6.40
N TRP A 161 -4.27 -2.08 -6.03
CA TRP A 161 -4.94 -2.93 -7.01
C TRP A 161 -6.15 -3.59 -6.38
N TYR A 162 -7.30 -3.40 -6.99
CA TYR A 162 -8.55 -4.05 -6.55
C TYR A 162 -9.12 -4.80 -7.76
N GLY A 163 -9.18 -6.12 -7.67
CA GLY A 163 -9.62 -6.98 -8.76
C GLY A 163 -11.12 -7.18 -8.79
N GLY A 164 -11.77 -7.04 -9.95
CA GLY A 164 -13.23 -7.28 -10.06
C GLY A 164 -13.60 -8.63 -10.66
N ASP A 165 -12.58 -9.42 -11.00
CA ASP A 165 -12.68 -10.82 -11.47
C ASP A 165 -12.30 -11.68 -10.28
N PHE A 166 -13.26 -12.39 -9.72
CA PHE A 166 -13.03 -13.12 -8.45
C PHE A 166 -12.64 -14.56 -8.68
N SER A 167 -12.30 -14.94 -9.91
CA SER A 167 -11.84 -16.28 -10.30
C SER A 167 -10.37 -16.48 -9.91
N ALA A 168 -9.86 -17.68 -10.20
CA ALA A 168 -8.43 -18.07 -10.04
C ALA A 168 -7.55 -17.25 -10.99
N ALA A 169 -8.16 -16.59 -12.01
CA ALA A 169 -7.41 -15.70 -12.95
C ALA A 169 -6.93 -14.41 -12.28
N ALA A 170 -7.45 -14.07 -11.12
CA ALA A 170 -7.19 -12.77 -10.49
C ALA A 170 -5.69 -12.60 -10.23
N THR A 171 -5.01 -13.59 -9.67
CA THR A 171 -3.58 -13.42 -9.34
C THR A 171 -2.77 -13.04 -10.59
N GLY A 172 -3.06 -13.67 -11.72
CA GLY A 172 -2.29 -13.32 -12.93
C GLY A 172 -2.59 -11.91 -13.43
N GLN A 173 -3.81 -11.43 -13.22
CA GLN A 173 -4.17 -10.04 -13.57
C GLN A 173 -3.44 -9.03 -12.67
N LEU A 174 -3.34 -9.31 -11.38
CA LEU A 174 -2.55 -8.49 -10.45
C LEU A 174 -1.10 -8.51 -10.93
N GLN A 175 -0.58 -9.70 -11.18
CA GLN A 175 0.85 -9.80 -11.57
C GLN A 175 1.11 -8.97 -12.84
N SER A 176 0.22 -9.03 -13.80
CA SER A 176 0.35 -8.26 -15.08
C SER A 176 0.46 -6.77 -14.79
N TYR A 177 -0.31 -6.25 -13.87
CA TYR A 177 -0.27 -4.80 -13.58
C TYR A 177 1.11 -4.47 -12.96
N LEU A 178 1.51 -5.25 -11.95
CA LEU A 178 2.80 -4.99 -11.26
C LEU A 178 3.93 -5.04 -12.29
N GLN A 179 3.93 -6.06 -13.16
CA GLN A 179 4.97 -6.21 -14.20
C GLN A 179 4.97 -5.00 -15.13
N ALA A 180 3.80 -4.53 -15.53
CA ALA A 180 3.68 -3.39 -16.45
C ALA A 180 4.33 -2.15 -15.85
N VAL A 181 4.04 -1.93 -14.58
CA VAL A 181 4.61 -0.75 -13.92
C VAL A 181 6.12 -0.92 -13.77
N TYR A 182 6.58 -2.08 -13.36
CA TYR A 182 8.02 -2.36 -13.27
C TYR A 182 8.67 -2.11 -14.63
N ASN A 183 8.05 -2.63 -15.68
CA ASN A 183 8.63 -2.48 -17.05
C ASN A 183 8.75 -0.99 -17.43
N ARG A 184 7.79 -0.17 -17.01
CA ARG A 184 7.75 1.24 -17.49
C ARG A 184 8.79 2.08 -16.74
N TYR A 185 8.97 1.92 -15.41
CA TYR A 185 9.79 2.86 -14.60
C TYR A 185 11.04 2.19 -13.99
N HIS A 186 11.15 0.85 -13.99
CA HIS A 186 12.27 0.08 -13.40
C HIS A 186 12.59 0.57 -12.00
N ARG A 187 11.54 0.75 -11.18
CA ARG A 187 11.70 0.94 -9.73
C ARG A 187 11.10 -0.27 -9.04
N PRO A 188 11.72 -0.69 -7.92
CA PRO A 188 11.10 -1.73 -7.10
C PRO A 188 9.65 -1.32 -6.77
N ILE A 189 8.80 -2.34 -6.67
CA ILE A 189 7.35 -2.19 -6.47
C ILE A 189 6.99 -2.56 -5.04
N TRP A 190 6.16 -1.74 -4.45
CA TRP A 190 5.36 -2.15 -3.26
C TRP A 190 3.89 -2.19 -3.64
N LEU A 191 3.19 -3.18 -3.09
CA LEU A 191 1.71 -3.24 -3.28
C LEU A 191 1.09 -2.83 -1.97
N THR A 192 0.81 -1.56 -1.79
CA THR A 192 0.42 -1.03 -0.45
C THR A 192 -1.07 -1.19 -0.16
N GLU A 193 -1.90 -1.49 -1.14
CA GLU A 193 -3.28 -1.90 -0.92
C GLU A 193 -3.65 -2.88 -2.04
N TYR A 194 -4.20 -4.04 -1.68
CA TYR A 194 -4.80 -4.93 -2.65
C TYR A 194 -5.85 -5.78 -2.00
N ALA A 195 -6.81 -6.16 -2.80
CA ALA A 195 -7.89 -7.08 -2.45
C ALA A 195 -8.68 -7.39 -3.69
N LEU A 196 -9.62 -8.31 -3.58
CA LEU A 196 -10.70 -8.41 -4.59
C LEU A 196 -11.81 -7.45 -4.17
N THR A 197 -12.10 -6.46 -5.00
CA THR A 197 -13.25 -5.57 -4.81
C THR A 197 -13.58 -4.98 -6.18
N ASP A 198 -14.84 -5.08 -6.56
CA ASP A 198 -15.34 -4.47 -7.81
C ASP A 198 -15.99 -3.16 -7.42
N PHE A 199 -15.41 -2.05 -7.89
CA PHE A 199 -15.98 -0.72 -7.68
C PHE A 199 -16.75 -0.23 -8.92
N SER A 200 -17.00 -1.10 -9.92
CA SER A 200 -17.58 -0.67 -11.21
C SER A 200 -19.06 -0.31 -11.07
N GLY A 201 -19.74 -0.76 -10.02
CA GLY A 201 -21.19 -0.53 -9.84
C GLY A 201 -21.47 0.56 -8.84
N SER A 202 -22.75 0.78 -8.53
CA SER A 202 -23.20 1.89 -7.66
C SER A 202 -22.86 1.56 -6.22
N THR A 203 -22.78 0.28 -5.87
CA THR A 203 -22.19 -0.09 -4.58
C THR A 203 -21.10 -1.14 -4.82
C THR A 203 -21.11 -1.15 -4.80
N PRO A 204 -20.13 -1.21 -3.91
CA PRO A 204 -19.04 -2.16 -4.06
C PRO A 204 -19.47 -3.63 -3.96
N ARG A 205 -18.82 -4.45 -4.76
CA ARG A 205 -19.08 -5.87 -4.84
C ARG A 205 -17.84 -6.57 -4.29
N TYR A 206 -18.10 -7.56 -3.48
CA TYR A 206 -17.07 -8.34 -2.76
C TYR A 206 -17.19 -9.82 -3.11
N PRO A 207 -16.04 -10.52 -3.04
CA PRO A 207 -16.03 -11.95 -3.24
C PRO A 207 -16.66 -12.71 -2.06
N SER A 208 -17.04 -13.94 -2.29
CA SER A 208 -17.35 -14.84 -1.18
C SER A 208 -16.13 -15.01 -0.29
N ALA A 209 -16.35 -15.48 0.93
CA ALA A 209 -15.24 -15.72 1.88
C ALA A 209 -14.30 -16.76 1.26
N ALA A 210 -14.80 -17.84 0.65
CA ALA A 210 -13.91 -18.87 0.04
C ALA A 210 -13.10 -18.29 -1.10
N GLU A 211 -13.75 -17.52 -1.94
CA GLU A 211 -13.03 -16.89 -3.10
C GLU A 211 -11.92 -15.98 -2.56
N GLN A 212 -12.22 -15.21 -1.53
CA GLN A 212 -11.24 -14.27 -0.97
C GLN A 212 -10.07 -15.03 -0.33
N ALA A 213 -10.34 -16.09 0.42
CA ALA A 213 -9.26 -16.84 1.05
C ALA A 213 -8.37 -17.51 -0.02
N ASP A 214 -8.98 -18.07 -1.07
CA ASP A 214 -8.20 -18.72 -2.14
C ASP A 214 -7.30 -17.64 -2.79
N PHE A 215 -7.87 -16.48 -3.07
CA PHE A 215 -7.08 -15.39 -3.65
C PHE A 215 -5.95 -14.95 -2.74
N VAL A 216 -6.21 -14.86 -1.44
CA VAL A 216 -5.08 -14.55 -0.52
C VAL A 216 -3.93 -15.53 -0.71
N SER A 217 -4.25 -16.82 -0.68
CA SER A 217 -3.23 -17.88 -0.83
C SER A 217 -2.46 -17.75 -2.15
N ARG A 218 -3.20 -17.61 -3.24
CA ARG A 218 -2.54 -17.67 -4.58
C ARG A 218 -1.77 -16.36 -4.79
N SER A 219 -2.32 -15.24 -4.36
CA SER A 219 -1.69 -13.92 -4.63
C SER A 219 -0.40 -13.81 -3.80
N THR A 220 -0.46 -14.19 -2.53
CA THR A 220 0.73 -14.13 -1.67
C THR A 220 1.86 -15.05 -2.17
N ALA A 221 1.54 -16.25 -2.64
CA ALA A 221 2.55 -17.16 -3.23
C ALA A 221 3.19 -16.45 -4.44
N MET A 222 2.37 -15.81 -5.26
CA MET A 222 2.89 -15.10 -6.45
C MET A 222 3.81 -13.95 -5.98
N LEU A 223 3.35 -13.15 -5.04
CA LEU A 223 4.10 -11.95 -4.66
C LEU A 223 5.38 -12.29 -3.94
N ASN A 224 5.35 -13.35 -3.15
CA ASN A 224 6.57 -13.82 -2.43
C ASN A 224 7.67 -14.18 -3.45
N GLY A 225 7.30 -14.68 -4.64
CA GLY A 225 8.24 -15.15 -5.65
C GLY A 225 8.66 -14.10 -6.68
N LEU A 226 8.05 -12.93 -6.69
CA LEU A 226 8.29 -11.88 -7.74
C LEU A 226 9.40 -10.92 -7.28
N SER A 227 10.60 -11.03 -7.82
CA SER A 227 11.79 -10.42 -7.17
C SER A 227 11.70 -8.89 -7.09
N PHE A 228 11.00 -8.24 -8.03
CA PHE A 228 10.91 -6.76 -8.06
C PHE A 228 9.80 -6.28 -7.13
N VAL A 229 9.01 -7.16 -6.51
CA VAL A 229 8.08 -6.73 -5.43
C VAL A 229 8.79 -6.85 -4.08
N GLU A 230 9.06 -5.74 -3.44
CA GLU A 230 9.78 -5.69 -2.14
C GLU A 230 8.78 -5.95 -1.01
N ARG A 231 7.57 -5.45 -1.09
CA ARG A 231 6.62 -5.48 0.04
C ARG A 231 5.20 -5.50 -0.51
N TYR A 232 4.28 -6.14 0.22
CA TYR A 232 2.85 -6.10 -0.07
C TYR A 232 2.06 -5.95 1.23
N ALA A 233 0.85 -5.45 1.04
CA ALA A 233 -0.05 -5.19 2.18
C ALA A 233 -1.49 -5.39 1.69
N TRP A 234 -2.12 -6.50 2.12
CA TRP A 234 -3.57 -6.70 1.99
C TRP A 234 -4.33 -5.53 2.57
N PHE A 235 -5.37 -5.10 1.87
CA PHE A 235 -6.34 -4.11 2.38
C PHE A 235 -7.53 -4.86 2.96
N SER A 236 -7.68 -4.94 4.29
CA SER A 236 -6.84 -4.36 5.30
C SER A 236 -6.87 -5.32 6.51
N LEU A 237 -6.19 -4.97 7.59
CA LEU A 237 -6.09 -5.92 8.74
C LEU A 237 -7.47 -6.19 9.34
N SER A 238 -8.31 -5.16 9.49
CA SER A 238 -9.53 -5.24 10.31
C SER A 238 -10.79 -5.13 9.47
N THR A 239 -11.77 -5.92 9.83
CA THR A 239 -13.12 -5.74 9.28
C THR A 239 -13.77 -4.43 9.72
N SER A 240 -13.24 -3.74 10.73
CA SER A 240 -13.74 -2.40 11.11
C SER A 240 -13.36 -1.39 10.03
N THR A 241 -12.34 -1.68 9.26
CA THR A 241 -11.85 -0.79 8.17
C THR A 241 -12.63 -1.10 6.89
N THR A 242 -12.85 -2.37 6.59
CA THR A 242 -13.40 -2.79 5.28
C THR A 242 -13.99 -4.19 5.38
N PRO A 243 -15.01 -4.50 4.56
CA PRO A 243 -15.50 -5.88 4.46
C PRO A 243 -14.45 -6.92 4.04
N THR A 244 -13.37 -6.50 3.41
CA THR A 244 -12.25 -7.41 3.03
C THR A 244 -11.23 -7.57 4.16
N GLY A 245 -11.62 -7.14 5.38
CA GLY A 245 -10.69 -7.25 6.54
C GLY A 245 -10.30 -8.70 6.82
N LEU A 246 -9.12 -8.88 7.43
CA LEU A 246 -8.59 -10.22 7.74
C LEU A 246 -8.98 -10.72 9.14
N TYR A 247 -9.17 -9.79 10.06
CA TYR A 247 -9.48 -10.03 11.50
C TYR A 247 -10.69 -9.24 11.91
N THR A 248 -11.48 -9.81 12.82
CA THR A 248 -12.43 -9.08 13.67
C THR A 248 -11.89 -9.15 15.09
N GLY A 249 -11.45 -8.03 15.63
CA GLY A 249 -10.68 -8.01 16.87
C GLY A 249 -9.48 -8.92 16.73
N THR A 250 -9.29 -9.88 17.63
CA THR A 250 -8.07 -10.74 17.59
C THR A 250 -8.31 -12.02 16.77
N THR A 251 -9.49 -12.20 16.19
CA THR A 251 -9.90 -13.47 15.58
C THR A 251 -9.78 -13.38 14.08
N PRO A 252 -8.89 -14.18 13.47
CA PRO A 252 -8.76 -14.20 12.03
C PRO A 252 -9.95 -14.93 11.42
N ASN A 253 -10.44 -14.40 10.28
CA ASN A 253 -11.38 -15.16 9.42
C ASN A 253 -10.55 -16.07 8.50
N SER A 254 -11.17 -16.78 7.56
CA SER A 254 -10.43 -17.72 6.69
C SER A 254 -9.38 -16.97 5.86
N SER A 255 -9.62 -15.72 5.53
CA SER A 255 -8.63 -14.89 4.81
C SER A 255 -7.46 -14.53 5.71
N GLY A 256 -7.72 -14.16 6.96
CA GLY A 256 -6.64 -13.90 7.94
C GLY A 256 -5.80 -15.14 8.13
N VAL A 257 -6.47 -16.29 8.21
CA VAL A 257 -5.77 -17.60 8.34
C VAL A 257 -4.85 -17.81 7.14
N ALA A 258 -5.36 -17.57 5.92
CA ALA A 258 -4.56 -17.73 4.68
C ALA A 258 -3.39 -16.73 4.66
N TYR A 259 -3.60 -15.54 5.16
CA TYR A 259 -2.56 -14.47 5.14
C TYR A 259 -1.49 -14.81 6.18
N ARG A 260 -1.91 -15.31 7.31
CA ARG A 260 -0.97 -15.78 8.37
C ARG A 260 -0.07 -16.88 7.80
N ALA A 261 -0.66 -17.80 7.02
CA ALA A 261 0.04 -18.97 6.47
C ALA A 261 0.99 -18.57 5.34
N ALA A 262 0.88 -17.36 4.80
CA ALA A 262 1.73 -16.89 3.65
C ALA A 262 3.19 -16.75 4.06
N GLY A 263 3.46 -16.66 5.34
CA GLY A 263 4.82 -16.86 5.90
C GLY A 263 5.40 -15.54 6.33
#